data_8BAX
#
_entry.id   8BAX
#
_cell.length_a   34.158
_cell.length_b   66.652
_cell.length_c   117.055
_cell.angle_alpha   90.000
_cell.angle_beta   90.000
_cell.angle_gamma   90.000
#
_symmetry.space_group_name_H-M   'P 21 21 21'
#
loop_
_entity.id
_entity.type
_entity.pdbx_description
1 polymer 'Siderophore ABC transporter substrate-binding protein'
2 non-polymer 'FE (III) ION'
3 non-polymer Azotochelin
4 water water
#
_entity_poly.entity_id   1
_entity_poly.type   'polypeptide(L)'
_entity_poly.pdbx_seq_one_letter_code
;CGNKENASNGASGKNDEKKTEQAEEMTIKHQLGEAKVKKNPEKVVVFDFGVLDTLDKLGVKVTALPQMNVPKYLEKYKSS
DYQNVGSLMEPDFEKLSEIKPDVIFISGRQANLYDKLKEIGPTVYIGIDTQHYWDSFTNNMKLIGQMFGKEKEVDEELAN
IEKQIEEVKTKAADKKALIILTTGGKVSAYGKGSRFGLIHDVLGVPAADPNLKVTNPHGQSVSFEYIAEKNPDYLFVIDR
DAVVEGKPTAKQTIENALVKKTKAYQNGHIVYLDPNYWYLSGGGLTSVSEMIKQVEEGLK
;
_entity_poly.pdbx_strand_id   A
#
# COMPACT_ATOMS: atom_id res chain seq x y z
N THR A 20 37.80 -0.16 11.27
CA THR A 20 37.18 0.71 12.30
C THR A 20 35.99 0.01 12.94
N GLU A 21 35.94 0.05 14.28
CA GLU A 21 34.82 -0.50 15.04
C GLU A 21 33.64 0.47 14.95
N GLN A 22 32.51 -0.05 14.45
CA GLN A 22 31.32 0.76 14.23
C GLN A 22 30.25 0.37 15.25
N ALA A 23 29.25 1.24 15.42
CA ALA A 23 28.03 0.91 16.14
C ALA A 23 27.40 -0.35 15.53
N GLU A 24 26.76 -1.19 16.39
CA GLU A 24 26.05 -2.39 15.96
C GLU A 24 24.59 -2.09 15.63
N GLU A 25 24.03 -1.02 16.20
CA GLU A 25 22.64 -0.64 15.94
C GLU A 25 22.60 0.40 14.85
N MET A 26 21.48 0.40 14.14
CA MET A 26 21.06 1.45 13.24
C MET A 26 20.24 2.47 14.03
N THR A 27 20.36 3.76 13.69
CA THR A 27 19.50 4.81 14.21
C THR A 27 18.59 5.26 13.08
N ILE A 28 17.29 5.03 13.23
CA ILE A 28 16.36 5.14 12.13
C ILE A 28 15.40 6.25 12.50
N LYS A 29 15.53 7.41 11.85
CA LYS A 29 14.60 8.52 12.04
C LYS A 29 13.41 8.27 11.13
N HIS A 30 12.22 8.07 11.72
CA HIS A 30 11.04 7.80 10.93
C HIS A 30 9.98 8.84 11.27
N GLN A 31 8.84 8.76 10.59
CA GLN A 31 7.82 9.78 10.67
C GLN A 31 7.29 9.94 12.09
N LEU A 32 7.41 8.91 12.95
CA LEU A 32 6.86 8.97 14.29
C LEU A 32 7.93 9.08 15.39
N GLY A 33 9.22 9.15 15.02
CA GLY A 33 10.25 9.23 16.04
C GLY A 33 11.54 8.59 15.54
N GLU A 34 12.32 8.07 16.49
CA GLU A 34 13.58 7.43 16.12
C GLU A 34 13.63 6.08 16.82
N ALA A 35 14.01 5.05 16.07
CA ALA A 35 14.19 3.72 16.60
C ALA A 35 15.66 3.34 16.48
N LYS A 36 16.13 2.53 17.43
CA LYS A 36 17.45 1.93 17.37
C LYS A 36 17.26 0.44 17.16
N VAL A 37 17.79 -0.12 16.06
CA VAL A 37 17.54 -1.50 15.70
C VAL A 37 18.87 -2.18 15.41
N LYS A 38 19.10 -3.36 16.00
CA LYS A 38 20.26 -4.15 15.65
C LYS A 38 20.25 -4.38 14.15
N LYS A 39 21.40 -4.19 13.51
CA LYS A 39 21.55 -4.64 12.13
C LYS A 39 21.25 -6.13 12.09
N ASN A 40 20.53 -6.55 11.03
CA ASN A 40 20.21 -7.95 10.83
C ASN A 40 19.42 -8.46 12.03
N PRO A 41 18.32 -7.78 12.42
CA PRO A 41 17.58 -8.17 13.62
C PRO A 41 16.94 -9.55 13.45
N GLU A 42 16.90 -10.35 14.53
CA GLU A 42 16.54 -11.75 14.48
C GLU A 42 15.01 -11.91 14.39
N LYS A 43 14.30 -11.21 15.27
CA LYS A 43 12.87 -11.43 15.44
C LYS A 43 12.12 -10.24 14.86
N VAL A 44 11.56 -10.46 13.67
CA VAL A 44 11.00 -9.40 12.85
C VAL A 44 9.50 -9.60 12.82
N VAL A 45 8.81 -8.56 13.27
CA VAL A 45 7.36 -8.53 13.31
C VAL A 45 6.88 -7.46 12.34
N VAL A 46 5.79 -7.76 11.63
CA VAL A 46 5.40 -6.91 10.51
C VAL A 46 3.89 -6.64 10.54
N PHE A 47 3.50 -5.36 10.68
CA PHE A 47 2.08 -5.01 10.58
C PHE A 47 1.73 -4.27 9.28
N ASP A 48 2.65 -4.19 8.33
CA ASP A 48 2.46 -3.56 7.05
C ASP A 48 2.72 -4.63 5.99
N PHE A 49 1.71 -4.92 5.16
CA PHE A 49 1.84 -6.02 4.23
C PHE A 49 2.77 -5.68 3.06
N GLY A 50 2.96 -4.38 2.78
CA GLY A 50 3.92 -3.95 1.80
C GLY A 50 5.33 -4.39 2.27
N VAL A 51 5.58 -4.13 3.55
CA VAL A 51 6.87 -4.56 4.12
C VAL A 51 6.96 -6.08 4.06
N LEU A 52 5.89 -6.77 4.47
CA LEU A 52 5.86 -8.22 4.39
C LEU A 52 6.27 -8.73 3.01
N ASP A 53 5.64 -8.21 1.94
CA ASP A 53 5.95 -8.70 0.61
C ASP A 53 7.43 -8.39 0.24
N THR A 54 7.94 -7.31 0.80
CA THR A 54 9.32 -6.88 0.55
C THR A 54 10.28 -7.87 1.18
N LEU A 55 10.01 -8.23 2.43
CA LEU A 55 10.85 -9.21 3.12
C LEU A 55 10.74 -10.58 2.45
N ASP A 56 9.52 -10.94 1.99
CA ASP A 56 9.33 -12.17 1.22
C ASP A 56 10.22 -12.17 -0.04
N LYS A 57 10.14 -11.07 -0.82
CA LYS A 57 10.90 -10.92 -2.05
C LYS A 57 12.40 -11.06 -1.78
N LEU A 58 12.87 -10.50 -0.65
CA LEU A 58 14.29 -10.46 -0.31
C LEU A 58 14.76 -11.72 0.39
N GLY A 59 13.85 -12.65 0.72
CA GLY A 59 14.28 -13.85 1.45
C GLY A 59 14.62 -13.57 2.91
N VAL A 60 14.01 -12.55 3.52
CA VAL A 60 14.23 -12.24 4.93
C VAL A 60 13.19 -12.97 5.79
N LYS A 61 13.66 -13.63 6.85
CA LYS A 61 12.83 -14.43 7.73
C LYS A 61 11.99 -13.53 8.63
N VAL A 62 10.67 -13.74 8.59
CA VAL A 62 9.76 -13.04 9.47
C VAL A 62 9.32 -13.93 10.62
N THR A 63 9.11 -13.32 11.80
CA THR A 63 8.70 -14.04 13.01
C THR A 63 7.18 -14.04 13.18
N ALA A 64 6.55 -12.88 12.98
CA ALA A 64 5.14 -12.70 13.31
C ALA A 64 4.51 -11.60 12.49
N LEU A 65 3.19 -11.73 12.35
CA LEU A 65 2.36 -10.79 11.62
C LEU A 65 0.93 -10.99 12.10
N PRO A 66 0.04 -10.00 11.85
CA PRO A 66 -1.39 -10.15 12.13
C PRO A 66 -2.02 -11.05 11.08
N GLN A 67 -2.45 -12.26 11.47
CA GLN A 67 -2.90 -13.26 10.51
C GLN A 67 -4.41 -13.24 10.35
N MET A 68 -5.11 -12.33 11.03
CA MET A 68 -6.57 -12.27 10.93
C MET A 68 -7.03 -11.99 9.50
N ASN A 69 -6.33 -11.10 8.78
CA ASN A 69 -6.72 -10.77 7.42
C ASN A 69 -5.46 -10.57 6.57
N VAL A 70 -5.04 -11.63 5.88
CA VAL A 70 -3.82 -11.64 5.11
C VAL A 70 -4.18 -11.54 3.62
N PRO A 71 -3.53 -10.63 2.83
CA PRO A 71 -3.75 -10.55 1.38
C PRO A 71 -3.53 -11.89 0.70
N LYS A 72 -4.39 -12.18 -0.29
CA LYS A 72 -4.33 -13.46 -0.98
C LYS A 72 -2.89 -13.82 -1.42
N TYR A 73 -2.16 -12.88 -2.06
CA TYR A 73 -0.85 -13.19 -2.61
C TYR A 73 0.14 -13.52 -1.49
N LEU A 74 -0.14 -13.11 -0.24
CA LEU A 74 0.77 -13.40 0.87
C LEU A 74 0.21 -14.52 1.75
N GLU A 75 -0.65 -15.39 1.19
CA GLU A 75 -1.34 -16.39 2.00
C GLU A 75 -0.37 -17.40 2.66
N LYS A 76 0.87 -17.58 2.16
CA LYS A 76 1.81 -18.47 2.85
C LYS A 76 2.09 -17.99 4.27
N TYR A 77 1.90 -16.69 4.53
CA TYR A 77 2.13 -16.11 5.83
C TYR A 77 0.98 -16.40 6.81
N LYS A 78 -0.06 -17.11 6.34
CA LYS A 78 -1.06 -17.67 7.23
C LYS A 78 -0.55 -18.91 7.97
N SER A 79 0.59 -19.47 7.54
CA SER A 79 1.15 -20.65 8.18
C SER A 79 1.38 -20.44 9.67
N SER A 80 1.18 -21.52 10.42
CA SER A 80 1.49 -21.59 11.85
C SER A 80 2.99 -21.44 12.11
N ASP A 81 3.81 -21.47 11.06
CA ASP A 81 5.24 -21.18 11.24
C ASP A 81 5.45 -19.75 11.74
N TYR A 82 4.46 -18.88 11.47
CA TYR A 82 4.51 -17.48 11.87
C TYR A 82 3.63 -17.35 13.10
N GLN A 83 4.06 -16.53 14.04
CA GLN A 83 3.26 -16.27 15.21
C GLN A 83 2.20 -15.24 14.83
N ASN A 84 1.02 -15.46 15.38
CA ASN A 84 -0.12 -14.60 15.09
C ASN A 84 -0.13 -13.46 16.11
N VAL A 85 0.14 -12.23 15.67
CA VAL A 85 0.04 -11.09 16.57
C VAL A 85 -1.20 -10.23 16.29
N GLY A 86 -2.27 -10.83 15.77
CA GLY A 86 -3.60 -10.26 15.88
C GLY A 86 -4.17 -9.86 14.52
N SER A 87 -4.77 -8.65 14.51
CA SER A 87 -5.31 -8.03 13.31
C SER A 87 -4.59 -6.69 13.07
N LEU A 88 -4.86 -6.06 11.92
CA LEU A 88 -4.18 -4.83 11.54
C LEU A 88 -4.44 -3.69 12.52
N MET A 89 -5.66 -3.65 13.09
CA MET A 89 -6.04 -2.58 14.00
C MET A 89 -5.91 -3.01 15.47
N GLU A 90 -5.77 -4.32 15.72
CA GLU A 90 -5.81 -4.84 17.09
C GLU A 90 -4.65 -5.80 17.29
N PRO A 91 -3.44 -5.26 17.56
CA PRO A 91 -2.31 -6.12 17.91
C PRO A 91 -2.61 -6.97 19.15
N ASP A 92 -2.05 -8.17 19.18
CA ASP A 92 -2.02 -8.98 20.38
C ASP A 92 -0.75 -8.63 21.17
N PHE A 93 -0.89 -7.70 22.12
CA PHE A 93 0.23 -7.15 22.86
C PHE A 93 0.85 -8.22 23.75
N GLU A 94 0.04 -9.14 24.27
CA GLU A 94 0.58 -10.16 25.16
C GLU A 94 1.54 -11.05 24.39
N LYS A 95 1.12 -11.45 23.19
CA LYS A 95 1.94 -12.27 22.31
C LYS A 95 3.21 -11.51 21.92
N LEU A 96 3.08 -10.22 21.61
CA LEU A 96 4.23 -9.41 21.24
C LEU A 96 5.22 -9.40 22.40
N SER A 97 4.69 -9.28 23.63
CA SER A 97 5.53 -9.25 24.83
C SER A 97 6.21 -10.59 25.09
N GLU A 98 5.58 -11.69 24.70
CA GLU A 98 6.26 -12.99 24.73
C GLU A 98 7.43 -13.04 23.75
N ILE A 99 7.19 -12.53 22.54
CA ILE A 99 8.15 -12.66 21.46
C ILE A 99 9.38 -11.79 21.75
N LYS A 100 9.13 -10.57 22.25
CA LYS A 100 10.17 -9.57 22.46
C LYS A 100 10.93 -9.35 21.16
N PRO A 101 10.27 -8.75 20.16
CA PRO A 101 10.85 -8.61 18.84
C PRO A 101 12.03 -7.65 18.82
N ASP A 102 12.87 -7.87 17.80
CA ASP A 102 14.02 -7.04 17.54
C ASP A 102 13.61 -5.82 16.71
N VAL A 103 12.52 -5.96 15.94
CA VAL A 103 11.95 -4.82 15.26
C VAL A 103 10.49 -5.13 14.93
N ILE A 104 9.67 -4.08 15.01
CA ILE A 104 8.26 -4.11 14.63
C ILE A 104 8.07 -3.04 13.56
N PHE A 105 7.57 -3.46 12.39
CA PHE A 105 7.27 -2.53 11.31
C PHE A 105 5.79 -2.21 11.30
N ILE A 106 5.47 -0.92 11.35
CA ILE A 106 4.06 -0.53 11.29
C ILE A 106 3.84 0.52 10.20
N SER A 107 2.54 0.72 9.87
CA SER A 107 2.20 1.84 9.00
C SER A 107 0.94 2.53 9.51
N GLY A 108 0.16 3.12 8.61
CA GLY A 108 -0.90 4.04 9.01
C GLY A 108 -1.93 3.48 10.00
N ARG A 109 -2.35 2.23 9.80
N ARG A 109 -2.34 2.22 9.81
CA ARG A 109 -3.36 1.59 10.63
CA ARG A 109 -3.37 1.62 10.65
C ARG A 109 -2.93 1.50 12.11
C ARG A 109 -2.93 1.48 12.11
N GLN A 110 -1.62 1.41 12.38
CA GLN A 110 -1.14 1.21 13.73
C GLN A 110 -0.54 2.47 14.35
N ALA A 111 -0.69 3.63 13.70
CA ALA A 111 0.00 4.85 14.10
C ALA A 111 -0.35 5.24 15.53
N ASN A 112 -1.63 5.12 15.90
CA ASN A 112 -2.14 5.43 17.23
C ASN A 112 -1.55 4.50 18.31
N LEU A 113 -1.03 3.33 17.90
CA LEU A 113 -0.50 2.34 18.84
C LEU A 113 1.02 2.37 18.96
N TYR A 114 1.65 3.39 18.37
CA TYR A 114 3.09 3.49 18.28
C TYR A 114 3.75 3.32 19.65
N ASP A 115 3.31 4.10 20.64
CA ASP A 115 3.94 4.09 21.96
C ASP A 115 3.77 2.74 22.65
N LYS A 116 2.61 2.11 22.48
CA LYS A 116 2.38 0.81 23.08
C LYS A 116 3.29 -0.25 22.47
N LEU A 117 3.50 -0.16 21.15
CA LEU A 117 4.32 -1.12 20.45
C LEU A 117 5.78 -0.91 20.81
N LYS A 118 6.16 0.37 20.94
CA LYS A 118 7.53 0.81 21.22
C LYS A 118 8.02 0.32 22.58
N GLU A 119 7.10 0.21 23.55
CA GLU A 119 7.43 -0.34 24.86
C GLU A 119 7.89 -1.79 24.74
N ILE A 120 7.40 -2.51 23.73
CA ILE A 120 7.64 -3.93 23.58
C ILE A 120 8.93 -4.20 22.80
N GLY A 121 9.12 -3.44 21.72
CA GLY A 121 10.30 -3.60 20.87
C GLY A 121 10.52 -2.38 19.97
N PRO A 122 11.72 -2.22 19.38
CA PRO A 122 11.99 -1.12 18.47
C PRO A 122 10.96 -1.14 17.35
N THR A 123 10.33 0.02 17.14
CA THR A 123 9.21 0.16 16.25
C THR A 123 9.54 1.25 15.21
N VAL A 124 9.38 0.89 13.93
CA VAL A 124 9.70 1.72 12.79
C VAL A 124 8.39 1.97 12.06
N TYR A 125 8.03 3.24 11.95
CA TYR A 125 6.92 3.58 11.06
C TYR A 125 7.45 3.61 9.64
N ILE A 126 6.75 2.93 8.70
CA ILE A 126 7.23 2.71 7.35
C ILE A 126 6.05 2.76 6.37
N GLY A 127 5.07 3.59 6.73
CA GLY A 127 4.05 4.00 5.77
C GLY A 127 4.66 4.90 4.70
N ILE A 128 3.97 5.03 3.57
CA ILE A 128 4.43 5.88 2.47
C ILE A 128 3.91 7.29 2.74
N ASP A 129 4.79 8.29 2.59
CA ASP A 129 4.38 9.69 2.52
C ASP A 129 3.91 9.95 1.09
N THR A 130 2.57 10.04 0.88
CA THR A 130 2.01 10.05 -0.46
C THR A 130 2.15 11.43 -1.12
N GLN A 131 2.63 12.45 -0.39
CA GLN A 131 2.99 13.70 -1.03
C GLN A 131 4.31 13.54 -1.81
N HIS A 132 5.07 12.48 -1.49
CA HIS A 132 6.36 12.24 -2.12
C HIS A 132 6.53 10.74 -2.33
N TYR A 133 5.61 10.15 -3.08
CA TYR A 133 5.45 8.70 -3.12
C TYR A 133 6.77 7.99 -3.46
N TRP A 134 7.42 8.38 -4.57
CA TRP A 134 8.58 7.68 -5.06
C TRP A 134 9.75 7.82 -4.08
N ASP A 135 10.01 9.05 -3.61
CA ASP A 135 11.09 9.30 -2.67
C ASP A 135 10.87 8.49 -1.39
N SER A 136 9.63 8.50 -0.89
CA SER A 136 9.30 7.80 0.35
C SER A 136 9.40 6.27 0.17
N PHE A 137 8.83 5.76 -0.92
CA PHE A 137 8.87 4.33 -1.24
C PHE A 137 10.32 3.87 -1.27
N THR A 138 11.14 4.59 -2.05
CA THR A 138 12.51 4.20 -2.28
C THR A 138 13.30 4.29 -0.96
N ASN A 139 13.08 5.33 -0.16
CA ASN A 139 13.73 5.43 1.15
C ASN A 139 13.41 4.23 2.06
N ASN A 140 12.16 3.81 2.04
CA ASN A 140 11.67 2.70 2.86
C ASN A 140 12.33 1.38 2.45
N MET A 141 12.41 1.17 1.14
CA MET A 141 12.94 -0.05 0.60
C MET A 141 14.44 -0.08 0.87
N LYS A 142 15.13 1.04 0.66
CA LYS A 142 16.57 1.09 0.90
C LYS A 142 16.91 0.84 2.38
N LEU A 143 16.12 1.40 3.29
CA LEU A 143 16.26 1.12 4.71
C LEU A 143 16.18 -0.39 4.99
N ILE A 144 15.15 -1.05 4.48
CA ILE A 144 15.03 -2.50 4.63
C ILE A 144 16.28 -3.19 4.09
N GLY A 145 16.79 -2.73 2.93
CA GLY A 145 17.99 -3.31 2.35
C GLY A 145 19.18 -3.19 3.29
N GLN A 146 19.33 -2.01 3.87
CA GLN A 146 20.46 -1.78 4.76
C GLN A 146 20.37 -2.62 6.02
N MET A 147 19.16 -2.70 6.56
CA MET A 147 18.89 -3.41 7.80
C MET A 147 19.17 -4.91 7.68
N PHE A 148 19.05 -5.49 6.47
CA PHE A 148 19.07 -6.93 6.28
C PHE A 148 20.18 -7.35 5.30
N GLY A 149 21.00 -6.39 4.87
CA GLY A 149 22.12 -6.68 3.98
C GLY A 149 21.64 -7.10 2.60
N LYS A 150 20.57 -6.45 2.14
CA LYS A 150 19.93 -6.76 0.88
C LYS A 150 19.91 -5.53 -0.05
N GLU A 151 20.89 -4.64 0.13
CA GLU A 151 20.99 -3.40 -0.63
C GLU A 151 21.02 -3.67 -2.13
N LYS A 152 21.78 -4.70 -2.55
CA LYS A 152 21.90 -5.08 -3.95
C LYS A 152 20.54 -5.47 -4.52
N GLU A 153 19.84 -6.38 -3.82
CA GLU A 153 18.57 -6.93 -4.27
C GLU A 153 17.54 -5.82 -4.37
N VAL A 154 17.50 -4.94 -3.36
CA VAL A 154 16.61 -3.78 -3.36
C VAL A 154 16.90 -2.89 -4.57
N ASP A 155 18.15 -2.53 -4.79
CA ASP A 155 18.50 -1.63 -5.88
C ASP A 155 18.06 -2.21 -7.22
N GLU A 156 18.29 -3.52 -7.41
CA GLU A 156 17.92 -4.22 -8.64
C GLU A 156 16.42 -4.13 -8.81
N GLU A 157 15.68 -4.34 -7.72
CA GLU A 157 14.23 -4.40 -7.81
C GLU A 157 13.64 -3.01 -8.03
N LEU A 158 14.19 -1.99 -7.37
CA LEU A 158 13.79 -0.62 -7.66
C LEU A 158 14.06 -0.25 -9.12
N ALA A 159 15.21 -0.71 -9.66
CA ALA A 159 15.55 -0.49 -11.06
C ALA A 159 14.45 -1.05 -11.98
N ASN A 160 14.02 -2.30 -11.71
CA ASN A 160 13.00 -2.97 -12.49
C ASN A 160 11.67 -2.19 -12.43
N ILE A 161 11.35 -1.69 -11.24
CA ILE A 161 10.10 -0.94 -11.08
C ILE A 161 10.17 0.37 -11.88
N GLU A 162 11.33 1.04 -11.88
CA GLU A 162 11.49 2.26 -12.65
C GLU A 162 11.15 2.00 -14.13
N LYS A 163 11.57 0.84 -14.63
CA LYS A 163 11.35 0.50 -16.03
C LYS A 163 9.85 0.34 -16.28
N GLN A 164 9.13 -0.24 -15.31
CA GLN A 164 7.69 -0.38 -15.42
C GLN A 164 7.02 0.98 -15.48
N ILE A 165 7.51 1.90 -14.64
CA ILE A 165 6.99 3.26 -14.57
C ILE A 165 7.23 3.97 -15.90
N GLU A 166 8.45 3.84 -16.44
CA GLU A 166 8.77 4.52 -17.70
C GLU A 166 7.85 4.03 -18.83
N GLU A 167 7.49 2.75 -18.83
CA GLU A 167 6.61 2.19 -19.84
C GLU A 167 5.22 2.83 -19.72
N VAL A 168 4.69 2.96 -18.50
CA VAL A 168 3.32 3.45 -18.37
C VAL A 168 3.29 4.97 -18.56
N LYS A 169 4.31 5.71 -18.14
CA LYS A 169 4.26 7.16 -18.31
C LYS A 169 4.09 7.56 -19.77
N THR A 170 4.55 6.69 -20.69
CA THR A 170 4.57 7.02 -22.10
C THR A 170 3.22 6.76 -22.77
N LYS A 171 2.17 6.47 -21.99
CA LYS A 171 0.85 6.36 -22.59
C LYS A 171 -0.25 7.00 -21.73
N ALA A 172 0.17 7.85 -20.78
CA ALA A 172 -0.77 8.57 -19.94
C ALA A 172 -1.54 9.60 -20.78
N ALA A 173 -0.80 10.36 -21.60
CA ALA A 173 -1.34 10.97 -22.81
C ALA A 173 -2.62 11.77 -22.54
N ASP A 174 -3.64 11.63 -23.39
CA ASP A 174 -4.79 12.51 -23.31
C ASP A 174 -5.93 11.86 -22.53
N LYS A 175 -5.58 11.01 -21.55
CA LYS A 175 -6.54 10.12 -20.93
C LYS A 175 -6.67 10.45 -19.45
N LYS A 176 -7.82 11.06 -19.10
CA LYS A 176 -8.12 11.53 -17.76
C LYS A 176 -8.73 10.38 -16.95
N ALA A 177 -8.24 10.21 -15.71
CA ALA A 177 -8.66 9.11 -14.87
C ALA A 177 -9.18 9.66 -13.55
N LEU A 178 -10.16 8.94 -13.01
CA LEU A 178 -10.67 9.20 -11.68
C LEU A 178 -10.49 7.91 -10.89
N ILE A 179 -10.09 8.07 -9.63
CA ILE A 179 -9.87 6.92 -8.75
C ILE A 179 -10.98 6.87 -7.71
N ILE A 180 -11.69 5.74 -7.68
CA ILE A 180 -12.84 5.53 -6.83
C ILE A 180 -12.63 4.29 -5.96
N LEU A 181 -13.05 4.38 -4.70
CA LEU A 181 -13.20 3.24 -3.82
C LEU A 181 -14.68 3.03 -3.49
N THR A 182 -15.11 1.75 -3.48
CA THR A 182 -16.48 1.39 -3.14
C THR A 182 -16.48 0.71 -1.78
N THR A 183 -17.46 1.04 -0.95
CA THR A 183 -17.68 0.34 0.30
C THR A 183 -19.10 0.65 0.76
N GLY A 184 -19.83 -0.41 1.13
CA GLY A 184 -21.18 -0.25 1.69
C GLY A 184 -22.15 0.41 0.73
N GLY A 185 -21.92 0.20 -0.58
CA GLY A 185 -22.75 0.79 -1.61
C GLY A 185 -22.45 2.25 -1.93
N LYS A 186 -21.42 2.83 -1.29
CA LYS A 186 -21.00 4.22 -1.43
C LYS A 186 -19.65 4.32 -2.15
N VAL A 187 -19.35 5.53 -2.65
CA VAL A 187 -18.17 5.83 -3.44
C VAL A 187 -17.44 7.00 -2.80
N SER A 188 -16.12 6.85 -2.67
CA SER A 188 -15.23 7.94 -2.30
C SER A 188 -14.15 8.08 -3.38
N ALA A 189 -13.53 9.25 -3.49
CA ALA A 189 -12.56 9.53 -4.53
C ALA A 189 -11.19 9.91 -3.93
N TYR A 190 -10.16 9.71 -4.75
CA TYR A 190 -8.79 10.03 -4.42
C TYR A 190 -8.14 10.74 -5.60
N GLY A 191 -7.30 11.73 -5.31
CA GLY A 191 -6.55 12.38 -6.36
C GLY A 191 -5.07 12.49 -6.03
N LYS A 192 -4.47 13.57 -6.51
CA LYS A 192 -3.04 13.72 -6.42
C LYS A 192 -2.68 13.86 -4.95
N GLY A 193 -1.54 13.26 -4.57
CA GLY A 193 -1.01 13.37 -3.21
C GLY A 193 -1.74 12.50 -2.19
N SER A 194 -2.72 11.73 -2.64
CA SER A 194 -3.56 10.91 -1.78
C SER A 194 -3.01 9.50 -1.67
N ARG A 195 -3.73 8.67 -0.92
CA ARG A 195 -3.38 7.27 -0.71
C ARG A 195 -3.07 6.55 -2.02
N PHE A 196 -3.90 6.83 -3.05
CA PHE A 196 -3.76 6.21 -4.35
C PHE A 196 -3.27 7.20 -5.41
N GLY A 197 -2.68 8.30 -4.97
CA GLY A 197 -2.17 9.35 -5.84
C GLY A 197 -1.13 8.87 -6.85
N LEU A 198 -0.43 7.74 -6.60
CA LEU A 198 0.68 7.34 -7.47
C LEU A 198 0.24 7.14 -8.93
N ILE A 199 -1.04 6.82 -9.15
CA ILE A 199 -1.51 6.68 -10.51
C ILE A 199 -1.29 7.98 -11.29
N HIS A 200 -1.49 9.12 -10.62
CA HIS A 200 -1.30 10.43 -11.21
C HIS A 200 0.15 10.90 -11.03
N ASP A 201 0.64 10.78 -9.80
CA ASP A 201 1.86 11.46 -9.39
C ASP A 201 3.10 10.72 -9.87
N VAL A 202 3.05 9.39 -9.95
CA VAL A 202 4.20 8.58 -10.34
C VAL A 202 4.02 8.06 -11.78
N LEU A 203 2.81 7.63 -12.13
CA LEU A 203 2.58 6.99 -13.42
C LEU A 203 2.10 7.99 -14.47
N GLY A 204 1.88 9.25 -14.06
CA GLY A 204 1.73 10.35 -15.01
C GLY A 204 0.33 10.44 -15.65
N VAL A 205 -0.64 9.67 -15.13
CA VAL A 205 -2.00 9.71 -15.67
C VAL A 205 -2.66 11.00 -15.24
N PRO A 206 -3.17 11.85 -16.16
CA PRO A 206 -3.81 13.09 -15.75
C PRO A 206 -5.10 12.81 -14.98
N ALA A 207 -5.44 13.76 -14.11
CA ALA A 207 -6.54 13.66 -13.17
C ALA A 207 -7.79 14.24 -13.80
N ALA A 208 -8.89 13.50 -13.68
CA ALA A 208 -10.20 14.01 -14.09
C ALA A 208 -10.57 15.22 -13.24
N ASP A 209 -10.08 15.26 -11.98
CA ASP A 209 -10.27 16.40 -11.11
C ASP A 209 -8.94 16.72 -10.41
N PRO A 210 -8.13 17.62 -11.01
CA PRO A 210 -6.79 17.89 -10.50
C PRO A 210 -6.79 18.74 -9.22
N ASN A 211 -7.97 19.23 -8.81
CA ASN A 211 -8.08 20.06 -7.62
C ASN A 211 -8.70 19.27 -6.46
N LEU A 212 -8.94 17.97 -6.66
CA LEU A 212 -9.40 17.08 -5.61
C LEU A 212 -8.23 16.78 -4.65
N LYS A 213 -8.35 17.26 -3.39
CA LYS A 213 -7.30 17.10 -2.38
C LYS A 213 -7.82 16.19 -1.26
N VAL A 214 -7.26 14.98 -1.18
CA VAL A 214 -7.70 13.95 -0.25
C VAL A 214 -6.50 13.50 0.58
N THR A 215 -6.66 13.55 1.91
CA THR A 215 -5.65 13.04 2.83
C THR A 215 -6.22 11.95 3.75
N ASN A 216 -7.51 11.67 3.58
CA ASN A 216 -8.28 10.73 4.40
C ASN A 216 -7.99 9.32 3.89
N PRO A 217 -7.65 8.32 4.75
CA PRO A 217 -7.40 6.96 4.26
C PRO A 217 -8.50 6.36 3.39
N HIS A 218 -9.76 6.77 3.62
CA HIS A 218 -10.90 6.14 2.99
C HIS A 218 -11.49 7.06 1.90
N GLY A 219 -10.75 8.14 1.59
CA GLY A 219 -11.09 8.96 0.44
C GLY A 219 -12.10 10.02 0.78
N GLN A 220 -12.52 10.76 -0.26
CA GLN A 220 -13.49 11.84 -0.17
C GLN A 220 -14.82 11.35 -0.70
N SER A 221 -15.85 11.36 0.14
CA SER A 221 -17.17 10.97 -0.27
C SER A 221 -17.59 11.82 -1.48
N VAL A 222 -18.05 11.14 -2.54
CA VAL A 222 -18.60 11.82 -3.71
C VAL A 222 -19.91 11.16 -4.09
N SER A 223 -20.74 11.91 -4.83
CA SER A 223 -21.95 11.41 -5.43
C SER A 223 -21.67 10.75 -6.77
N PHE A 224 -22.60 9.91 -7.22
CA PHE A 224 -22.57 9.38 -8.57
C PHE A 224 -22.68 10.52 -9.60
N GLU A 225 -23.47 11.59 -9.28
CA GLU A 225 -23.60 12.73 -10.18
C GLU A 225 -22.25 13.39 -10.46
N TYR A 226 -21.41 13.51 -9.42
CA TYR A 226 -20.07 14.08 -9.54
C TYR A 226 -19.20 13.25 -10.49
N ILE A 227 -19.23 11.93 -10.32
CA ILE A 227 -18.49 11.02 -11.19
C ILE A 227 -18.93 11.26 -12.64
N ALA A 228 -20.25 11.29 -12.87
CA ALA A 228 -20.78 11.45 -14.22
C ALA A 228 -20.38 12.79 -14.84
N GLU A 229 -20.44 13.87 -14.04
CA GLU A 229 -20.01 15.19 -14.49
C GLU A 229 -18.53 15.21 -14.84
N LYS A 230 -17.69 14.59 -14.00
CA LYS A 230 -16.27 14.60 -14.30
C LYS A 230 -16.03 13.79 -15.57
N ASN A 231 -16.79 12.72 -15.79
CA ASN A 231 -16.82 11.99 -17.03
C ASN A 231 -15.39 11.54 -17.40
N PRO A 232 -14.67 10.79 -16.55
CA PRO A 232 -13.31 10.44 -16.90
C PRO A 232 -13.24 9.43 -18.04
N ASP A 233 -12.14 9.46 -18.77
CA ASP A 233 -11.85 8.45 -19.78
C ASP A 233 -11.66 7.10 -19.08
N TYR A 234 -10.91 7.09 -17.96
CA TYR A 234 -10.72 5.88 -17.18
C TYR A 234 -11.25 6.01 -15.77
N LEU A 235 -11.83 4.92 -15.28
CA LEU A 235 -12.30 4.82 -13.90
C LEU A 235 -11.55 3.69 -13.22
N PHE A 236 -10.69 4.07 -12.28
CA PHE A 236 -10.00 3.08 -11.47
C PHE A 236 -10.82 2.84 -10.21
N VAL A 237 -11.14 1.57 -9.95
CA VAL A 237 -12.07 1.21 -8.88
C VAL A 237 -11.39 0.24 -7.92
N ILE A 238 -11.53 0.53 -6.64
CA ILE A 238 -10.94 -0.33 -5.60
C ILE A 238 -12.08 -0.83 -4.71
N ASP A 239 -12.31 -2.14 -4.77
CA ASP A 239 -13.37 -2.83 -4.03
C ASP A 239 -12.95 -3.10 -2.58
N ARG A 240 -13.22 -2.15 -1.67
CA ARG A 240 -12.80 -2.27 -0.28
C ARG A 240 -13.52 -3.43 0.41
N ASP A 241 -14.82 -3.60 0.13
CA ASP A 241 -15.56 -4.63 0.84
C ASP A 241 -15.07 -6.02 0.50
N ALA A 242 -14.46 -6.20 -0.67
CA ALA A 242 -13.90 -7.50 -1.02
C ALA A 242 -12.87 -7.95 0.00
N VAL A 243 -12.13 -7.01 0.60
CA VAL A 243 -11.10 -7.43 1.54
C VAL A 243 -11.51 -7.15 2.99
N VAL A 244 -12.39 -6.17 3.21
CA VAL A 244 -12.76 -5.84 4.58
C VAL A 244 -13.87 -6.78 5.05
N GLU A 245 -14.87 -7.02 4.19
CA GLU A 245 -15.99 -7.89 4.51
C GLU A 245 -15.88 -9.28 3.87
N GLY A 246 -14.99 -9.45 2.88
CA GLY A 246 -14.89 -10.71 2.16
C GLY A 246 -16.00 -10.92 1.14
N LYS A 247 -16.66 -9.83 0.75
CA LYS A 247 -17.72 -9.84 -0.23
C LYS A 247 -17.48 -8.72 -1.25
N PRO A 248 -17.17 -9.06 -2.52
CA PRO A 248 -17.06 -8.04 -3.57
C PRO A 248 -18.38 -7.30 -3.80
N THR A 249 -18.32 -5.97 -3.70
CA THR A 249 -19.47 -5.12 -3.96
C THR A 249 -19.17 -4.05 -5.00
N ALA A 250 -17.98 -3.98 -5.58
CA ALA A 250 -17.63 -2.83 -6.40
C ALA A 250 -18.51 -2.78 -7.65
N LYS A 251 -18.62 -3.91 -8.34
CA LYS A 251 -19.25 -3.94 -9.65
C LYS A 251 -20.73 -3.61 -9.50
N GLN A 252 -21.41 -4.23 -8.52
CA GLN A 252 -22.82 -3.95 -8.28
C GLN A 252 -22.96 -2.48 -7.92
N THR A 253 -21.98 -1.92 -7.22
CA THR A 253 -22.07 -0.55 -6.73
C THR A 253 -21.95 0.46 -7.88
N ILE A 254 -21.03 0.25 -8.83
CA ILE A 254 -20.72 1.34 -9.76
C ILE A 254 -21.52 1.17 -11.06
N GLU A 255 -21.95 -0.06 -11.36
CA GLU A 255 -22.68 -0.32 -12.60
C GLU A 255 -24.09 0.21 -12.39
N ASN A 256 -24.24 1.53 -12.51
CA ASN A 256 -25.52 2.21 -12.32
C ASN A 256 -25.67 3.26 -13.42
N ALA A 257 -26.92 3.77 -13.64
CA ALA A 257 -27.27 4.46 -14.88
C ALA A 257 -26.44 5.75 -15.08
N LEU A 258 -26.18 6.53 -13.92
CA LEU A 258 -25.42 7.78 -14.05
C LEU A 258 -23.99 7.44 -14.49
N VAL A 259 -23.44 6.37 -13.93
CA VAL A 259 -22.11 5.97 -14.32
C VAL A 259 -22.10 5.40 -15.74
N LYS A 260 -23.25 4.87 -16.18
CA LYS A 260 -23.32 4.28 -17.51
C LYS A 260 -23.26 5.38 -18.58
N LYS A 261 -23.41 6.65 -18.18
CA LYS A 261 -23.24 7.78 -19.08
C LYS A 261 -21.80 7.89 -19.57
N THR A 262 -20.85 7.63 -18.66
CA THR A 262 -19.47 8.10 -18.77
C THR A 262 -18.71 7.38 -19.88
N LYS A 263 -17.75 8.12 -20.47
CA LYS A 263 -16.79 7.58 -21.42
C LYS A 263 -16.16 6.30 -20.87
N ALA A 264 -15.80 6.35 -19.58
CA ALA A 264 -15.13 5.20 -18.99
C ALA A 264 -16.01 3.94 -19.15
N TYR A 265 -17.29 4.04 -18.79
CA TYR A 265 -18.18 2.89 -18.90
C TYR A 265 -18.36 2.49 -20.37
N GLN A 266 -18.70 3.49 -21.21
CA GLN A 266 -19.08 3.25 -22.59
C GLN A 266 -17.94 2.56 -23.32
N ASN A 267 -16.70 2.95 -22.97
CA ASN A 267 -15.53 2.59 -23.75
C ASN A 267 -14.81 1.39 -23.15
N GLY A 268 -15.38 0.83 -22.07
CA GLY A 268 -14.85 -0.37 -21.46
C GLY A 268 -13.56 -0.07 -20.71
N HIS A 269 -13.48 1.12 -20.12
CA HIS A 269 -12.27 1.61 -19.47
C HIS A 269 -12.51 1.76 -17.97
N ILE A 270 -13.27 0.81 -17.39
CA ILE A 270 -13.39 0.68 -15.95
C ILE A 270 -12.44 -0.42 -15.52
N VAL A 271 -11.52 -0.05 -14.63
CA VAL A 271 -10.39 -0.88 -14.28
C VAL A 271 -10.50 -1.22 -12.80
N TYR A 272 -10.75 -2.49 -12.51
CA TYR A 272 -10.99 -2.94 -11.15
C TYR A 272 -9.64 -3.36 -10.59
N LEU A 273 -9.12 -2.50 -9.72
CA LEU A 273 -7.81 -2.78 -9.13
C LEU A 273 -7.98 -3.82 -8.02
N ASP A 274 -6.95 -4.66 -7.85
CA ASP A 274 -7.04 -5.78 -6.92
C ASP A 274 -6.81 -5.27 -5.49
N PRO A 275 -7.84 -5.29 -4.60
CA PRO A 275 -7.74 -4.64 -3.30
C PRO A 275 -6.78 -5.42 -2.38
N ASN A 276 -6.49 -6.67 -2.71
CA ASN A 276 -5.48 -7.40 -1.95
C ASN A 276 -4.16 -6.64 -1.98
N TYR A 277 -3.82 -6.08 -3.15
CA TYR A 277 -2.62 -5.30 -3.35
C TYR A 277 -2.84 -3.86 -2.91
N TRP A 278 -3.89 -3.22 -3.44
CA TRP A 278 -3.99 -1.77 -3.35
C TRP A 278 -4.44 -1.31 -1.97
N TYR A 279 -5.38 -2.05 -1.36
CA TYR A 279 -6.02 -1.62 -0.13
C TYR A 279 -5.37 -2.28 1.10
N LEU A 280 -5.33 -3.60 1.10
CA LEU A 280 -4.77 -4.34 2.24
C LEU A 280 -3.26 -4.17 2.32
N SER A 281 -2.64 -3.88 1.18
CA SER A 281 -1.19 -3.82 1.11
C SER A 281 -0.79 -2.50 0.43
N GLY A 282 0.33 -2.51 -0.29
CA GLY A 282 0.87 -1.32 -0.92
C GLY A 282 2.24 -0.98 -0.34
N GLY A 283 3.06 -0.32 -1.17
CA GLY A 283 4.31 0.26 -0.73
C GLY A 283 5.41 -0.78 -0.56
N GLY A 284 5.24 -2.01 -1.04
CA GLY A 284 6.32 -2.98 -1.06
C GLY A 284 6.88 -3.26 -2.46
N LEU A 285 8.01 -3.97 -2.53
CA LEU A 285 8.59 -4.29 -3.83
C LEU A 285 7.60 -5.03 -4.72
N THR A 286 6.86 -5.99 -4.14
CA THR A 286 5.97 -6.81 -4.95
C THR A 286 4.67 -6.05 -5.17
N SER A 287 4.11 -5.45 -4.12
CA SER A 287 2.82 -4.77 -4.27
C SER A 287 2.97 -3.59 -5.24
N VAL A 288 4.01 -2.78 -5.14
CA VAL A 288 4.15 -1.65 -6.07
C VAL A 288 4.28 -2.16 -7.50
N SER A 289 5.12 -3.18 -7.73
CA SER A 289 5.30 -3.75 -9.07
C SER A 289 3.95 -4.20 -9.65
N GLU A 290 3.18 -4.96 -8.87
CA GLU A 290 1.94 -5.55 -9.30
C GLU A 290 0.89 -4.46 -9.48
N MET A 291 0.89 -3.45 -8.61
CA MET A 291 -0.03 -2.33 -8.77
C MET A 291 0.20 -1.65 -10.11
N ILE A 292 1.44 -1.38 -10.47
CA ILE A 292 1.74 -0.77 -11.76
C ILE A 292 1.32 -1.69 -12.91
N LYS A 293 1.50 -3.01 -12.78
CA LYS A 293 1.11 -3.94 -13.84
C LYS A 293 -0.40 -3.86 -14.07
N GLN A 294 -1.15 -3.66 -12.99
CA GLN A 294 -2.59 -3.56 -13.07
C GLN A 294 -2.96 -2.27 -13.78
N VAL A 295 -2.22 -1.19 -13.56
CA VAL A 295 -2.51 0.05 -14.25
C VAL A 295 -2.13 -0.08 -15.72
N GLU A 296 -0.95 -0.62 -16.00
CA GLU A 296 -0.47 -0.86 -17.35
C GLU A 296 -1.51 -1.62 -18.16
N GLU A 297 -2.04 -2.69 -17.56
CA GLU A 297 -2.98 -3.55 -18.24
C GLU A 297 -4.25 -2.78 -18.58
N GLY A 298 -4.71 -1.92 -17.66
CA GLY A 298 -5.93 -1.16 -17.90
C GLY A 298 -5.77 -0.07 -18.94
N LEU A 299 -4.54 0.46 -19.11
CA LEU A 299 -4.31 1.60 -19.99
C LEU A 299 -3.88 1.13 -21.39
N LYS A 300 -3.30 -0.07 -21.53
CA LYS A 300 -2.65 -0.44 -22.78
C LYS A 300 -3.66 -0.52 -23.95
#